data_4SKN
#
_entry.id   4SKN
#
_cell.length_a   48.830
_cell.length_b   65.660
_cell.length_c   97.150
_cell.angle_alpha   90.00
_cell.angle_beta   90.00
_cell.angle_gamma   90.00
#
_symmetry.space_group_name_H-M   'P 21 21 21'
#
loop_
_entity.id
_entity.type
_entity.pdbx_description
1 polymer "DNA (5'-D(*TP*GP*GP*GP*(D1P)P*GP*GP*CP*TP*T)-3')"
2 polymer "DNA (5'-D(*AP*AP*AP*GP*CP*CP*GP*CP*CP*C)-3')"
3 polymer 'PROTEIN (URACIL-DNA GLYCOSYLASE)'
4 non-polymer URACIL
5 water water
#
loop_
_entity_poly.entity_id
_entity_poly.type
_entity_poly.pdbx_seq_one_letter_code
_entity_poly.pdbx_strand_id
1 'polydeoxyribonucleotide' (DT)(DG)(DG)(DG)(ORP)(DG)(DG)(DC)(DT)(DT) A
2 'polydeoxyribonucleotide' (DA)(DA)(DA)(DG)(DC)(DC)(DG)(DC)(DC)(DC) B
3 'polypeptide(L)'
;MEFFGESWKKHLSGEFGKPYFIKLMGFVAEERKHYTVYPPPHQVFTWTQMCDIKDVKVVILGQNPYHGPNQAHGLCFSVQ
RPVPPPPSLENIYKELSTDIEDFVHPGHGDLSGWAKQGVLLLNAVLTVRAHQANSHKERGWEQFTDAVVSWLNQNSNGLV
FLLWGSYAQKKGSAIDRKRHHVLQTAHPSPRSVYRGFFGCRHFSKTNELLQKSGKKPIDWKEL
;
E
#
loop_
_chem_comp.id
_chem_comp.type
_chem_comp.name
_chem_comp.formula
DA DNA linking 2'-DEOXYADENOSINE-5'-MONOPHOSPHATE 'C10 H14 N5 O6 P'
DC DNA linking 2'-DEOXYCYTIDINE-5'-MONOPHOSPHATE 'C9 H14 N3 O7 P'
DG DNA linking 2'-DEOXYGUANOSINE-5'-MONOPHOSPHATE 'C10 H14 N5 O7 P'
DT DNA linking THYMIDINE-5'-MONOPHOSPHATE 'C10 H15 N2 O8 P'
ORP saccharide 2-DEOXY-5-PHOSPHONO-RIBOSE 'C5 H11 O7 P'
URA non-polymer URACIL 'C4 H4 N2 O2'
#
# COMPACT_ATOMS: atom_id res chain seq x y z
C1 ORP A 5 7.56 8.19 -2.42
O1 ORP A 5 7.64 10.48 -3.01
C2 ORP A 5 8.30 8.07 -1.11
C3 ORP A 5 9.70 8.54 -1.43
O3 ORP A 5 9.80 9.96 -1.31
C4 ORP A 5 9.87 8.12 -2.89
O4 ORP A 5 8.53 8.11 -3.46
C5 ORP A 5 10.54 6.78 -3.11
O5 ORP A 5 11.95 6.88 -2.85
P ORP A 5 12.99 5.91 -3.57
O1P ORP A 5 13.17 4.71 -2.72
O2P ORP A 5 12.63 5.74 -5.00
N MET C 1 -10.19 -9.75 -16.46
CA MET C 1 -11.45 -9.00 -16.74
C MET C 1 -11.16 -7.48 -16.73
N GLU C 2 -11.52 -6.78 -15.64
CA GLU C 2 -11.28 -5.34 -15.56
C GLU C 2 -10.42 -4.80 -14.44
N PHE C 3 -10.23 -3.48 -14.44
CA PHE C 3 -9.39 -2.79 -13.46
C PHE C 3 -9.63 -3.09 -11.99
N PHE C 4 -10.89 -3.07 -11.57
CA PHE C 4 -11.27 -3.35 -10.18
C PHE C 4 -11.66 -4.80 -9.93
N GLY C 5 -11.14 -5.37 -8.85
CA GLY C 5 -11.50 -6.73 -8.52
C GLY C 5 -12.95 -6.71 -8.08
N GLU C 6 -13.63 -7.84 -8.26
CA GLU C 6 -15.06 -8.00 -7.89
C GLU C 6 -15.46 -7.35 -6.59
N SER C 7 -14.99 -7.94 -5.48
CA SER C 7 -15.31 -7.50 -4.13
C SER C 7 -15.09 -6.04 -3.89
N TRP C 8 -13.94 -5.55 -4.36
CA TRP C 8 -13.55 -4.16 -4.20
C TRP C 8 -14.53 -3.21 -4.88
N LYS C 9 -14.76 -3.42 -6.19
CA LYS C 9 -15.70 -2.59 -6.95
C LYS C 9 -17.04 -2.54 -6.20
N LYS C 10 -17.55 -3.73 -5.93
CA LYS C 10 -18.80 -3.95 -5.22
C LYS C 10 -18.87 -3.09 -3.97
N HIS C 11 -17.81 -3.12 -3.18
CA HIS C 11 -17.78 -2.34 -1.94
C HIS C 11 -17.28 -0.92 -2.02
N LEU C 12 -16.69 -0.52 -3.14
CA LEU C 12 -16.22 0.85 -3.24
C LEU C 12 -17.10 1.60 -4.22
N SER C 13 -17.99 0.87 -4.88
CA SER C 13 -18.90 1.42 -5.89
C SER C 13 -19.58 2.70 -5.45
N GLY C 14 -19.98 2.76 -4.18
CA GLY C 14 -20.64 3.95 -3.65
C GLY C 14 -19.84 5.23 -3.82
N GLU C 15 -18.54 5.09 -4.04
CA GLU C 15 -17.64 6.24 -4.21
C GLU C 15 -17.61 6.81 -5.60
N PHE C 16 -17.72 5.94 -6.60
CA PHE C 16 -17.69 6.34 -8.01
C PHE C 16 -18.50 7.57 -8.40
N GLY C 17 -19.76 7.62 -7.95
CA GLY C 17 -20.62 8.73 -8.29
C GLY C 17 -20.49 10.00 -7.45
N LYS C 18 -19.49 10.03 -6.58
CA LYS C 18 -19.27 11.20 -5.73
C LYS C 18 -18.40 12.23 -6.44
N PRO C 19 -18.89 13.46 -6.52
CA PRO C 19 -18.22 14.61 -7.15
C PRO C 19 -16.69 14.63 -7.01
N TYR C 20 -16.20 14.39 -5.80
CA TYR C 20 -14.76 14.43 -5.52
C TYR C 20 -14.01 13.45 -6.38
N PHE C 21 -14.64 12.31 -6.61
CA PHE C 21 -14.05 11.26 -7.40
C PHE C 21 -14.19 11.54 -8.90
N ILE C 22 -15.38 11.99 -9.31
CA ILE C 22 -15.65 12.31 -10.71
C ILE C 22 -14.61 13.28 -11.20
N LYS C 23 -14.57 14.44 -10.57
CA LYS C 23 -13.63 15.47 -10.94
C LYS C 23 -12.22 14.95 -10.89
N LEU C 24 -11.90 14.18 -9.85
CA LEU C 24 -10.56 13.60 -9.70
C LEU C 24 -10.10 12.85 -10.94
N MET C 25 -10.92 11.90 -11.39
CA MET C 25 -10.60 11.13 -12.57
C MET C 25 -10.49 12.10 -13.73
N GLY C 26 -11.35 13.11 -13.72
CA GLY C 26 -11.31 14.11 -14.76
C GLY C 26 -9.92 14.71 -14.78
N PHE C 27 -9.42 15.12 -13.61
CA PHE C 27 -8.10 15.69 -13.45
C PHE C 27 -7.02 14.75 -13.96
N VAL C 28 -6.98 13.53 -13.45
CA VAL C 28 -5.95 12.60 -13.87
C VAL C 28 -5.88 12.40 -15.38
N ALA C 29 -7.03 12.20 -16.01
CA ALA C 29 -7.05 11.98 -17.44
C ALA C 29 -6.42 13.16 -18.15
N GLU C 30 -6.79 14.36 -17.74
CA GLU C 30 -6.26 15.58 -18.33
C GLU C 30 -4.77 15.48 -18.22
N GLU C 31 -4.33 15.25 -16.99
CA GLU C 31 -2.92 15.14 -16.67
C GLU C 31 -2.22 14.25 -17.70
N ARG C 32 -2.79 13.06 -17.90
CA ARG C 32 -2.24 12.08 -18.82
C ARG C 32 -2.04 12.59 -20.25
N LYS C 33 -3.02 13.34 -20.77
CA LYS C 33 -2.89 13.85 -22.12
C LYS C 33 -1.78 14.91 -22.23
N HIS C 34 -1.19 15.28 -21.10
CA HIS C 34 -0.13 16.29 -21.11
C HIS C 34 1.13 15.89 -20.36
N TYR C 35 1.11 14.79 -19.61
CA TYR C 35 2.29 14.35 -18.86
C TYR C 35 2.26 12.85 -18.64
N THR C 36 3.45 12.26 -18.48
CA THR C 36 3.57 10.83 -18.22
C THR C 36 3.13 10.62 -16.77
N VAL C 37 2.19 9.71 -16.54
CA VAL C 37 1.71 9.50 -15.20
C VAL C 37 1.81 8.05 -14.73
N TYR C 38 2.29 7.88 -13.50
CA TYR C 38 2.46 6.56 -12.93
C TYR C 38 1.43 6.32 -11.84
N PRO C 39 0.93 5.09 -11.75
CA PRO C 39 1.29 3.98 -12.64
C PRO C 39 0.39 4.08 -13.85
N PRO C 40 0.76 3.46 -14.99
CA PRO C 40 -0.09 3.53 -16.18
C PRO C 40 -1.57 3.21 -15.85
N PRO C 41 -2.51 3.63 -16.71
CA PRO C 41 -3.95 3.42 -16.50
C PRO C 41 -4.39 2.08 -15.94
N HIS C 42 -3.97 0.99 -16.57
CA HIS C 42 -4.41 -0.33 -16.11
C HIS C 42 -3.87 -0.79 -14.77
N GLN C 43 -2.81 -0.15 -14.30
CA GLN C 43 -2.18 -0.55 -13.05
C GLN C 43 -2.50 0.24 -11.78
N VAL C 44 -3.17 1.38 -11.92
CA VAL C 44 -3.51 2.18 -10.73
C VAL C 44 -4.20 1.39 -9.61
N PHE C 45 -4.93 0.32 -9.93
CA PHE C 45 -5.63 -0.43 -8.88
C PHE C 45 -5.22 -1.89 -8.68
N THR C 46 -3.95 -2.21 -8.91
CA THR C 46 -3.49 -3.58 -8.74
C THR C 46 -3.81 -4.16 -7.38
N TRP C 47 -3.72 -3.33 -6.35
CA TRP C 47 -4.01 -3.74 -4.97
C TRP C 47 -5.40 -4.40 -4.76
N THR C 48 -6.31 -4.23 -5.72
CA THR C 48 -7.66 -4.81 -5.65
C THR C 48 -7.70 -6.17 -6.37
N GLN C 49 -6.72 -6.37 -7.26
CA GLN C 49 -6.63 -7.58 -8.04
C GLN C 49 -5.92 -8.71 -7.30
N MET C 50 -5.20 -8.38 -6.24
CA MET C 50 -4.44 -9.39 -5.52
C MET C 50 -5.16 -10.35 -4.57
N CYS C 51 -6.26 -9.90 -3.98
CA CYS C 51 -7.04 -10.75 -3.09
C CYS C 51 -8.35 -10.07 -2.74
N ASP C 52 -9.34 -10.89 -2.42
CA ASP C 52 -10.68 -10.42 -2.07
C ASP C 52 -10.64 -9.53 -0.84
N ILE C 53 -11.32 -8.39 -0.91
CA ILE C 53 -11.38 -7.43 0.20
C ILE C 53 -11.71 -8.13 1.53
N LYS C 54 -12.59 -9.13 1.47
CA LYS C 54 -13.02 -9.87 2.64
C LYS C 54 -11.89 -10.57 3.39
N ASP C 55 -10.85 -11.03 2.69
CA ASP C 55 -9.74 -11.72 3.37
C ASP C 55 -8.37 -11.04 3.40
N VAL C 56 -8.39 -9.72 3.60
CA VAL C 56 -7.18 -8.92 3.72
C VAL C 56 -6.98 -8.87 5.22
N LYS C 57 -5.80 -9.22 5.69
CA LYS C 57 -5.55 -9.21 7.12
C LYS C 57 -4.65 -8.05 7.55
N VAL C 58 -3.72 -7.67 6.68
CA VAL C 58 -2.78 -6.61 7.02
C VAL C 58 -2.84 -5.53 5.99
N VAL C 59 -2.56 -4.31 6.42
CA VAL C 59 -2.59 -3.17 5.54
C VAL C 59 -1.33 -2.33 5.69
N ILE C 60 -0.46 -2.40 4.70
CA ILE C 60 0.76 -1.60 4.72
C ILE C 60 0.37 -0.41 3.84
N LEU C 61 0.57 0.80 4.38
CA LEU C 61 0.20 2.00 3.67
C LEU C 61 1.39 2.96 3.54
N GLY C 62 1.65 3.40 2.31
CA GLY C 62 2.72 4.36 2.03
C GLY C 62 2.09 5.67 1.56
N GLN C 63 2.88 6.64 1.10
CA GLN C 63 2.30 7.90 0.62
C GLN C 63 1.97 7.95 -0.86
N ASN C 64 2.94 8.23 -1.73
CA ASN C 64 2.67 8.26 -3.17
C ASN C 64 3.53 7.24 -3.91
N PRO C 65 3.12 6.84 -5.14
CA PRO C 65 3.88 5.87 -5.93
C PRO C 65 5.23 6.41 -6.41
N TYR C 66 6.08 5.50 -6.90
CA TYR C 66 7.39 5.88 -7.42
C TYR C 66 7.18 6.71 -8.68
N HIS C 67 7.61 7.96 -8.63
CA HIS C 67 7.50 8.88 -9.75
C HIS C 67 8.61 8.61 -10.78
N GLY C 68 9.14 7.40 -10.78
CA GLY C 68 10.20 7.02 -11.71
C GLY C 68 9.63 6.07 -12.73
N PRO C 69 10.11 6.13 -13.98
CA PRO C 69 9.61 5.22 -15.02
C PRO C 69 9.86 3.77 -14.67
N ASN C 70 8.90 2.92 -15.04
CA ASN C 70 8.96 1.47 -14.82
C ASN C 70 8.83 0.97 -13.38
N GLN C 71 8.62 1.85 -12.42
CA GLN C 71 8.51 1.43 -11.03
C GLN C 71 7.11 1.21 -10.50
N ALA C 72 6.34 2.28 -10.45
CA ALA C 72 4.99 2.24 -9.93
C ALA C 72 4.07 1.29 -10.70
N HIS C 73 3.55 0.27 -10.02
CA HIS C 73 2.66 -0.69 -10.68
C HIS C 73 1.40 -1.12 -9.91
N GLY C 74 0.98 -0.36 -8.91
CA GLY C 74 -0.23 -0.69 -8.17
C GLY C 74 -0.09 -1.21 -6.74
N LEU C 75 1.09 -1.73 -6.40
CA LEU C 75 1.33 -2.25 -5.06
C LEU C 75 2.47 -1.41 -4.49
N CYS C 76 2.24 -0.88 -3.30
CA CYS C 76 3.21 0.01 -2.67
C CYS C 76 4.61 -0.58 -2.46
N PHE C 77 5.61 0.19 -2.86
CA PHE C 77 7.05 -0.14 -2.75
C PHE C 77 7.53 -1.25 -3.67
N SER C 78 6.64 -1.74 -4.53
CA SER C 78 6.92 -2.84 -5.45
C SER C 78 7.26 -2.43 -6.87
N VAL C 79 8.20 -3.17 -7.48
CA VAL C 79 8.62 -2.95 -8.88
C VAL C 79 8.61 -4.30 -9.58
N GLN C 80 8.04 -4.36 -10.77
CA GLN C 80 8.00 -5.63 -11.48
C GLN C 80 9.25 -5.84 -12.31
N ARG C 81 9.74 -7.10 -12.35
CA ARG C 81 10.93 -7.45 -13.13
C ARG C 81 10.83 -6.90 -14.56
N PRO C 82 11.98 -6.64 -15.21
CA PRO C 82 13.35 -6.83 -14.70
C PRO C 82 13.88 -5.58 -14.00
N VAL C 83 12.99 -4.82 -13.38
CA VAL C 83 13.36 -3.59 -12.67
C VAL C 83 13.82 -3.99 -11.27
N PRO C 84 14.90 -3.37 -10.79
CA PRO C 84 15.46 -3.65 -9.46
C PRO C 84 14.74 -2.95 -8.33
N PRO C 85 14.82 -3.53 -7.12
CA PRO C 85 14.19 -2.99 -5.93
C PRO C 85 14.82 -1.64 -5.64
N PRO C 86 14.03 -0.55 -5.71
CA PRO C 86 14.55 0.79 -5.43
C PRO C 86 14.84 0.95 -3.93
N PRO C 87 15.69 1.94 -3.57
CA PRO C 87 16.08 2.23 -2.19
C PRO C 87 15.06 1.82 -1.13
N SER C 88 13.84 2.34 -1.23
CA SER C 88 12.81 2.04 -0.24
C SER C 88 12.60 0.54 -0.07
N LEU C 89 12.64 -0.23 -1.15
CA LEU C 89 12.46 -1.67 -1.06
C LEU C 89 13.74 -2.36 -0.56
N GLU C 90 14.88 -1.69 -0.69
CA GLU C 90 16.14 -2.25 -0.20
C GLU C 90 16.18 -2.10 1.32
N ASN C 91 15.79 -0.93 1.80
CA ASN C 91 15.72 -0.64 3.22
C ASN C 91 14.71 -1.56 3.87
N ILE C 92 13.59 -1.79 3.20
CA ILE C 92 12.58 -2.72 3.72
C ILE C 92 13.20 -4.12 3.79
N TYR C 93 14.01 -4.47 2.80
CA TYR C 93 14.68 -5.77 2.77
C TYR C 93 15.71 -5.94 3.90
N LYS C 94 16.42 -4.86 4.24
CA LYS C 94 17.41 -4.86 5.33
C LYS C 94 16.74 -5.23 6.65
N GLU C 95 15.61 -4.59 6.93
CA GLU C 95 14.84 -4.84 8.14
C GLU C 95 14.35 -6.29 8.16
N LEU C 96 13.62 -6.69 7.13
CA LEU C 96 13.09 -8.04 7.00
C LEU C 96 14.14 -9.09 7.29
N SER C 97 15.35 -8.85 6.78
CA SER C 97 16.47 -9.75 6.99
C SER C 97 16.73 -9.93 8.48
N THR C 98 16.90 -8.82 9.20
CA THR C 98 17.17 -8.88 10.63
C THR C 98 15.95 -9.34 11.43
N ASP C 99 14.78 -8.86 11.03
CA ASP C 99 13.53 -9.15 11.69
C ASP C 99 13.11 -10.61 11.56
N ILE C 100 13.23 -11.14 10.35
CA ILE C 100 12.86 -12.51 10.08
C ILE C 100 14.09 -13.23 9.59
N GLU C 101 14.60 -14.09 10.46
CA GLU C 101 15.79 -14.87 10.15
C GLU C 101 15.57 -15.81 8.99
N ASP C 102 14.35 -16.30 8.81
CA ASP C 102 14.05 -17.19 7.70
C ASP C 102 14.11 -16.50 6.33
N PHE C 103 14.01 -15.17 6.34
CA PHE C 103 13.99 -14.36 5.11
C PHE C 103 15.34 -14.00 4.51
N VAL C 104 15.42 -14.04 3.19
CA VAL C 104 16.65 -13.70 2.45
C VAL C 104 16.27 -12.90 1.22
N HIS C 105 17.13 -11.96 0.81
CA HIS C 105 16.86 -11.14 -0.37
C HIS C 105 16.48 -12.03 -1.57
N PRO C 106 15.20 -12.02 -1.96
CA PRO C 106 14.59 -12.77 -3.07
C PRO C 106 15.09 -12.48 -4.48
N GLY C 107 15.87 -11.42 -4.64
CA GLY C 107 16.42 -11.07 -5.94
C GLY C 107 15.55 -10.31 -6.93
N HIS C 108 14.45 -9.70 -6.48
CA HIS C 108 13.56 -8.91 -7.36
C HIS C 108 12.72 -7.98 -6.51
N GLY C 109 11.89 -7.17 -7.13
CA GLY C 109 11.08 -6.23 -6.36
C GLY C 109 9.57 -6.41 -6.41
N ASP C 110 9.11 -7.56 -6.86
CA ASP C 110 7.70 -7.82 -6.97
C ASP C 110 7.11 -8.25 -5.62
N LEU C 111 6.17 -7.47 -5.11
CA LEU C 111 5.56 -7.78 -3.82
C LEU C 111 4.28 -8.57 -3.90
N SER C 112 3.90 -8.97 -5.10
CA SER C 112 2.67 -9.74 -5.28
C SER C 112 2.52 -10.90 -4.28
N GLY C 113 3.63 -11.47 -3.83
CA GLY C 113 3.58 -12.57 -2.87
C GLY C 113 2.79 -12.23 -1.62
N TRP C 114 3.17 -11.12 -0.98
CA TRP C 114 2.50 -10.67 0.23
C TRP C 114 1.07 -10.35 -0.11
N ALA C 115 0.91 -9.58 -1.18
CA ALA C 115 -0.42 -9.15 -1.64
C ALA C 115 -1.43 -10.30 -1.69
N LYS C 116 -1.04 -11.38 -2.37
CA LYS C 116 -1.89 -12.58 -2.52
C LYS C 116 -2.17 -13.23 -1.17
N GLN C 117 -1.31 -12.98 -0.20
CA GLN C 117 -1.46 -13.56 1.13
C GLN C 117 -2.51 -12.84 1.98
N GLY C 118 -2.82 -11.59 1.64
CA GLY C 118 -3.79 -10.82 2.40
C GLY C 118 -3.22 -9.51 2.95
N VAL C 119 -2.21 -8.98 2.27
CA VAL C 119 -1.58 -7.75 2.69
C VAL C 119 -2.02 -6.70 1.71
N LEU C 120 -2.77 -5.69 2.16
CA LEU C 120 -3.18 -4.62 1.26
C LEU C 120 -2.01 -3.64 1.15
N LEU C 121 -1.35 -3.64 0.00
CA LEU C 121 -0.22 -2.75 -0.24
C LEU C 121 -0.70 -1.41 -0.79
N LEU C 122 -1.44 -0.69 0.05
CA LEU C 122 -2.03 0.61 -0.31
C LEU C 122 -1.04 1.76 -0.25
N ASN C 123 -1.48 2.91 -0.71
CA ASN C 123 -0.69 4.14 -0.74
C ASN C 123 -1.75 5.20 -0.57
N ALA C 124 -1.43 6.30 0.12
CA ALA C 124 -2.37 7.38 0.34
C ALA C 124 -2.85 7.99 -0.96
N VAL C 125 -1.91 8.40 -1.81
CA VAL C 125 -2.23 8.99 -3.09
C VAL C 125 -1.85 8.00 -4.17
N LEU C 126 -2.81 7.60 -5.00
CA LEU C 126 -2.58 6.58 -6.01
C LEU C 126 -1.94 6.90 -7.38
N THR C 127 -1.64 8.17 -7.69
CA THR C 127 -0.96 8.49 -8.96
C THR C 127 0.02 9.63 -8.82
N VAL C 128 1.04 9.65 -9.67
CA VAL C 128 2.07 10.68 -9.62
C VAL C 128 2.63 11.01 -11.00
N ARG C 129 2.90 12.29 -11.22
CA ARG C 129 3.45 12.77 -12.48
C ARG C 129 4.90 12.35 -12.57
N ALA C 130 5.34 12.12 -13.80
CA ALA C 130 6.72 11.69 -14.05
C ALA C 130 7.72 12.67 -13.46
N HIS C 131 8.70 12.12 -12.76
CA HIS C 131 9.77 12.90 -12.15
C HIS C 131 9.30 14.04 -11.28
N GLN C 132 8.05 14.02 -10.87
CA GLN C 132 7.60 15.11 -10.04
C GLN C 132 6.84 14.61 -8.83
N ALA C 133 7.55 14.47 -7.72
CA ALA C 133 6.98 13.98 -6.48
C ALA C 133 5.94 14.91 -5.84
N ASN C 134 4.89 14.30 -5.28
CA ASN C 134 3.78 15.01 -4.63
C ASN C 134 2.86 15.75 -5.61
N SER C 135 3.05 15.59 -6.91
CA SER C 135 2.24 16.31 -7.88
C SER C 135 0.73 16.04 -7.83
N HIS C 136 0.31 14.82 -7.53
CA HIS C 136 -1.12 14.54 -7.47
C HIS C 136 -1.61 14.40 -6.03
N LYS C 137 -1.00 15.16 -5.14
CA LYS C 137 -1.35 15.15 -3.72
C LYS C 137 -2.51 16.08 -3.51
N GLU C 138 -3.45 15.67 -2.65
CA GLU C 138 -4.62 16.46 -2.32
C GLU C 138 -5.57 16.78 -3.47
N ARG C 139 -5.68 15.85 -4.41
CA ARG C 139 -6.58 16.02 -5.54
C ARG C 139 -7.85 15.15 -5.34
N GLY C 140 -7.78 14.20 -4.40
CA GLY C 140 -8.91 13.33 -4.12
C GLY C 140 -8.53 11.91 -3.71
N TRP C 141 -7.31 11.50 -4.00
CA TRP C 141 -6.87 10.17 -3.63
C TRP C 141 -7.02 9.92 -2.15
N GLU C 142 -6.56 10.87 -1.34
CA GLU C 142 -6.65 10.74 0.11
C GLU C 142 -8.04 10.39 0.61
N GLN C 143 -9.05 11.06 0.05
CA GLN C 143 -10.43 10.79 0.47
C GLN C 143 -10.90 9.43 -0.05
N PHE C 144 -10.37 9.02 -1.19
CA PHE C 144 -10.74 7.75 -1.75
C PHE C 144 -10.11 6.66 -0.93
N THR C 145 -8.83 6.85 -0.60
CA THR C 145 -8.10 5.90 0.19
C THR C 145 -8.64 5.91 1.61
N ASP C 146 -9.21 7.06 1.99
CA ASP C 146 -9.83 7.17 3.30
C ASP C 146 -11.00 6.21 3.24
N ALA C 147 -11.73 6.25 2.12
CA ALA C 147 -12.88 5.39 1.94
C ALA C 147 -12.52 3.93 2.04
N VAL C 148 -11.40 3.55 1.43
CA VAL C 148 -10.94 2.16 1.45
C VAL C 148 -10.75 1.72 2.90
N VAL C 149 -9.90 2.45 3.61
CA VAL C 149 -9.57 2.16 5.01
C VAL C 149 -10.87 2.11 5.83
N SER C 150 -11.63 3.18 5.70
CA SER C 150 -12.90 3.34 6.40
C SER C 150 -13.68 2.03 6.36
N TRP C 151 -14.00 1.58 5.15
CA TRP C 151 -14.74 0.32 4.96
C TRP C 151 -14.07 -0.82 5.72
N LEU C 152 -12.81 -1.09 5.39
CA LEU C 152 -12.06 -2.17 6.03
C LEU C 152 -12.13 -2.10 7.55
N ASN C 153 -12.11 -0.88 8.06
CA ASN C 153 -12.14 -0.68 9.50
C ASN C 153 -13.46 -1.11 10.10
N GLN C 154 -14.54 -0.68 9.46
CA GLN C 154 -15.91 -0.96 9.91
C GLN C 154 -16.34 -2.42 9.74
N ASN C 155 -15.81 -3.09 8.73
CA ASN C 155 -16.24 -4.46 8.48
C ASN C 155 -15.23 -5.57 8.66
N SER C 156 -14.26 -5.37 9.54
CA SER C 156 -13.26 -6.41 9.75
C SER C 156 -12.86 -6.58 11.22
N ASN C 157 -11.90 -7.47 11.46
CA ASN C 157 -11.43 -7.76 12.80
C ASN C 157 -9.94 -8.00 12.77
N GLY C 158 -9.27 -7.53 13.82
CA GLY C 158 -7.84 -7.72 13.95
C GLY C 158 -6.95 -7.32 12.79
N LEU C 159 -7.40 -6.39 11.97
CA LEU C 159 -6.56 -5.97 10.87
C LEU C 159 -5.33 -5.34 11.48
N VAL C 160 -4.16 -5.81 11.06
CA VAL C 160 -2.90 -5.23 11.53
C VAL C 160 -2.57 -4.25 10.42
N PHE C 161 -2.38 -2.98 10.77
CA PHE C 161 -2.05 -1.93 9.81
C PHE C 161 -0.62 -1.43 10.03
N LEU C 162 0.12 -1.14 8.97
CA LEU C 162 1.47 -0.61 9.12
C LEU C 162 1.46 0.74 8.45
N LEU C 163 1.51 1.81 9.24
CA LEU C 163 1.50 3.17 8.70
C LEU C 163 2.91 3.69 8.66
N TRP C 164 3.47 3.70 7.46
CA TRP C 164 4.83 4.14 7.26
C TRP C 164 4.95 5.56 6.70
N GLY C 165 5.37 6.49 7.55
CA GLY C 165 5.53 7.87 7.13
C GLY C 165 4.40 8.74 7.66
N SER C 166 4.67 10.02 7.85
CA SER C 166 3.67 10.95 8.37
C SER C 166 2.37 10.97 7.60
N TYR C 167 2.42 11.27 6.31
CA TYR C 167 1.21 11.33 5.47
C TYR C 167 0.37 10.07 5.59
N ALA C 168 1.05 8.93 5.73
CA ALA C 168 0.38 7.64 5.86
C ALA C 168 -0.27 7.53 7.22
N GLN C 169 0.45 7.99 8.23
CA GLN C 169 -0.03 7.94 9.60
C GLN C 169 -1.30 8.76 9.84
N LYS C 170 -1.56 9.73 8.96
CA LYS C 170 -2.74 10.57 9.09
C LYS C 170 -4.01 9.73 9.12
N LYS C 171 -4.00 8.63 8.37
CA LYS C 171 -5.13 7.72 8.30
C LYS C 171 -5.44 7.09 9.67
N GLY C 172 -4.41 6.90 10.49
CA GLY C 172 -4.55 6.26 11.80
C GLY C 172 -5.68 6.76 12.70
N SER C 173 -6.01 8.06 12.60
CA SER C 173 -7.06 8.66 13.39
C SER C 173 -8.45 8.27 12.92
N ALA C 174 -8.54 7.24 12.09
CA ALA C 174 -9.79 6.73 11.55
C ALA C 174 -9.89 5.22 11.78
N ILE C 175 -8.95 4.68 12.54
CA ILE C 175 -8.94 3.24 12.81
C ILE C 175 -9.29 3.02 14.27
N ASP C 176 -10.19 2.08 14.53
CA ASP C 176 -10.58 1.78 15.91
C ASP C 176 -9.43 1.00 16.49
N ARG C 177 -8.64 1.68 17.32
CA ARG C 177 -7.49 1.05 17.93
C ARG C 177 -7.72 -0.19 18.77
N LYS C 178 -8.97 -0.42 19.16
CA LYS C 178 -9.31 -1.61 19.95
C LYS C 178 -9.41 -2.86 19.06
N ARG C 179 -10.28 -2.82 18.04
CA ARG C 179 -10.43 -3.98 17.16
C ARG C 179 -9.29 -4.18 16.19
N HIS C 180 -8.53 -3.13 15.88
CA HIS C 180 -7.42 -3.28 14.94
C HIS C 180 -6.10 -2.87 15.57
N HIS C 181 -5.07 -3.67 15.28
CA HIS C 181 -3.72 -3.43 15.79
C HIS C 181 -3.02 -2.48 14.84
N VAL C 182 -2.58 -1.33 15.33
CA VAL C 182 -1.93 -0.35 14.47
C VAL C 182 -0.48 -0.15 14.90
N LEU C 183 0.42 -0.12 13.92
CA LEU C 183 1.85 0.07 14.15
C LEU C 183 2.29 1.22 13.24
N GLN C 184 3.03 2.17 13.80
CA GLN C 184 3.52 3.31 13.02
C GLN C 184 5.04 3.35 12.97
N THR C 185 5.58 4.14 12.05
CA THR C 185 7.02 4.27 11.93
C THR C 185 7.37 5.16 10.76
N ALA C 186 8.64 5.53 10.68
CA ALA C 186 9.13 6.41 9.62
C ALA C 186 9.07 5.72 8.26
N HIS C 187 8.89 6.53 7.22
CA HIS C 187 8.81 6.01 5.86
C HIS C 187 10.19 5.44 5.49
N PRO C 188 10.22 4.21 4.97
CA PRO C 188 11.43 3.51 4.57
C PRO C 188 12.37 4.15 3.55
N SER C 189 12.05 5.35 3.05
CA SER C 189 12.91 6.03 2.08
C SER C 189 14.26 6.33 2.74
N PRO C 190 15.34 6.35 1.94
CA PRO C 190 16.65 6.64 2.52
C PRO C 190 16.54 7.90 3.38
N ARG C 191 15.86 8.89 2.81
CA ARG C 191 15.63 10.19 3.44
C ARG C 191 14.92 10.15 4.80
N SER C 192 14.35 9.00 5.18
CA SER C 192 13.62 8.93 6.44
C SER C 192 13.66 7.60 7.16
N VAL C 193 14.43 6.63 6.67
CA VAL C 193 14.48 5.31 7.30
C VAL C 193 15.12 5.27 8.69
N TYR C 194 16.12 6.11 8.91
CA TYR C 194 16.82 6.16 10.19
C TYR C 194 16.00 6.70 11.35
N ARG C 195 14.89 7.37 11.05
CA ARG C 195 14.05 7.93 12.10
C ARG C 195 13.05 6.94 12.71
N GLY C 196 13.45 5.67 12.80
CA GLY C 196 12.56 4.70 13.40
C GLY C 196 12.27 3.40 12.67
N PHE C 197 12.19 3.44 11.34
CA PHE C 197 11.89 2.24 10.53
C PHE C 197 12.85 1.11 10.88
N PHE C 198 14.15 1.36 10.73
CA PHE C 198 15.17 0.36 11.05
C PHE C 198 15.08 0.03 12.52
N GLY C 199 14.60 -1.16 12.81
CA GLY C 199 14.48 -1.59 14.19
C GLY C 199 13.04 -1.71 14.65
N CYS C 200 12.08 -1.33 13.80
CA CYS C 200 10.68 -1.41 14.16
C CYS C 200 10.16 -2.85 14.33
N ARG C 201 10.66 -3.77 13.54
CA ARG C 201 10.25 -5.17 13.63
C ARG C 201 8.76 -5.40 13.36
N HIS C 202 8.17 -4.58 12.51
CA HIS C 202 6.74 -4.70 12.21
C HIS C 202 6.32 -6.08 11.74
N PHE C 203 7.05 -6.65 10.78
CA PHE C 203 6.74 -7.95 10.20
C PHE C 203 6.54 -9.07 11.19
N SER C 204 7.48 -9.19 12.13
CA SER C 204 7.43 -10.20 13.17
C SER C 204 6.27 -9.86 14.09
N LYS C 205 6.23 -8.60 14.50
CA LYS C 205 5.18 -8.11 15.36
C LYS C 205 3.82 -8.40 14.74
N THR C 206 3.79 -8.40 13.41
CA THR C 206 2.56 -8.68 12.70
C THR C 206 2.15 -10.14 12.86
N ASN C 207 3.03 -11.07 12.48
CA ASN C 207 2.72 -12.51 12.62
C ASN C 207 2.31 -12.80 14.06
N GLU C 208 2.98 -12.14 15.00
CA GLU C 208 2.67 -12.32 16.42
C GLU C 208 1.21 -11.98 16.65
N LEU C 209 0.86 -10.73 16.40
CA LEU C 209 -0.49 -10.25 16.61
C LEU C 209 -1.51 -11.08 15.88
N LEU C 210 -1.21 -11.44 14.63
CA LEU C 210 -2.11 -12.25 13.84
C LEU C 210 -2.30 -13.65 14.43
N GLN C 211 -1.20 -14.28 14.83
CA GLN C 211 -1.28 -15.62 15.41
C GLN C 211 -2.10 -15.55 16.71
N LYS C 212 -1.81 -14.52 17.52
CA LYS C 212 -2.51 -14.29 18.79
C LYS C 212 -4.01 -14.24 18.54
N SER C 213 -4.40 -13.50 17.51
CA SER C 213 -5.81 -13.38 17.15
C SER C 213 -6.33 -14.58 16.36
N GLY C 214 -5.61 -15.70 16.44
CA GLY C 214 -6.01 -16.92 15.75
C GLY C 214 -6.18 -16.79 14.25
N LYS C 215 -5.09 -16.47 13.57
CA LYS C 215 -5.10 -16.32 12.12
C LYS C 215 -3.72 -16.75 11.65
N LYS C 216 -3.68 -17.32 10.46
CA LYS C 216 -2.42 -17.78 9.89
C LYS C 216 -1.54 -16.54 9.74
N PRO C 217 -0.24 -16.66 10.07
CA PRO C 217 0.68 -15.52 9.95
C PRO C 217 1.10 -15.37 8.47
N ILE C 218 2.05 -14.49 8.19
CA ILE C 218 2.50 -14.27 6.81
C ILE C 218 3.83 -14.95 6.57
N ASP C 219 4.06 -15.40 5.34
CA ASP C 219 5.31 -16.05 4.93
C ASP C 219 6.06 -14.98 4.11
N TRP C 220 6.62 -14.00 4.82
CA TRP C 220 7.34 -12.87 4.20
C TRP C 220 8.42 -13.18 3.14
N LYS C 221 8.85 -14.43 3.05
CA LYS C 221 9.84 -14.80 2.04
C LYS C 221 9.17 -15.33 0.77
N GLU C 222 7.90 -15.70 0.93
CA GLU C 222 7.08 -16.23 -0.15
C GLU C 222 6.58 -15.09 -1.04
N LEU C 223 7.42 -14.63 -1.95
CA LEU C 223 7.06 -13.54 -2.83
C LEU C 223 7.72 -13.67 -4.20
N1 URA D . 6.77 5.48 -1.45
C2 URA D . 5.45 5.18 -1.21
O2 URA D . 4.80 5.72 -0.33
N3 URA D . 4.90 4.24 -2.05
C4 URA D . 5.54 3.61 -3.11
O4 URA D . 4.88 2.87 -3.87
C5 URA D . 6.91 3.98 -3.29
C6 URA D . 7.46 4.88 -2.47
#